data_1ZGZ
#
_entry.id   1ZGZ
#
_cell.length_a   55.471
_cell.length_b   58.389
_cell.length_c   64.086
_cell.angle_alpha   90.00
_cell.angle_beta   112.25
_cell.angle_gamma   90.00
#
_symmetry.space_group_name_H-M   'P 1 21 1'
#
loop_
_entity.id
_entity.type
_entity.pdbx_description
1 polymer 'TorCAD operon transcriptional regulatory protein torR'
2 non-polymer 'SULFATE ION'
3 non-polymer GLYCEROL
4 water water
#
_entity_poly.entity_id   1
_entity_poly.type   'polypeptide(L)'
_entity_poly.pdbx_seq_one_letter_code
;(MSE)PHHIVIVEDEPVTQARLQSYFTQEGYTVSVTASGAGLREI(MSE)QNQSVDLILLDINLPDENGL(MSE)LTRAL
RERSTVGIILVTGRSDRIDRIVGLE(MSE)GADDYVTKPLELRELVVRVKNLLWRIDQ
;
_entity_poly.pdbx_strand_id   A,B,C,D
#
loop_
_chem_comp.id
_chem_comp.type
_chem_comp.name
_chem_comp.formula
GOL non-polymer GLYCEROL 'C3 H8 O3'
SO4 non-polymer 'SULFATE ION' 'O4 S -2'
#
# COMPACT_ATOMS: atom_id res chain seq x y z
N PRO A 2 -28.77 12.37 3.41
CA PRO A 2 -27.60 12.66 4.30
C PRO A 2 -26.42 11.78 3.93
N HIS A 3 -25.31 11.88 4.66
CA HIS A 3 -24.14 11.05 4.39
C HIS A 3 -24.38 9.60 4.79
N HIS A 4 -23.84 8.70 4.00
CA HIS A 4 -24.03 7.28 4.23
C HIS A 4 -22.72 6.66 4.73
N ILE A 5 -22.76 6.08 5.92
CA ILE A 5 -21.60 5.41 6.49
C ILE A 5 -21.86 3.90 6.57
N VAL A 6 -20.84 3.10 6.29
CA VAL A 6 -20.97 1.67 6.50
C VAL A 6 -19.98 1.22 7.55
N ILE A 7 -20.45 0.45 8.51
CA ILE A 7 -19.60 -0.11 9.54
C ILE A 7 -19.39 -1.57 9.20
N VAL A 8 -18.12 -1.95 9.10
CA VAL A 8 -17.72 -3.31 8.79
C VAL A 8 -16.98 -3.83 10.01
N GLU A 9 -17.67 -4.58 10.85
CA GLU A 9 -17.17 -4.87 12.18
C GLU A 9 -17.76 -6.17 12.71
N ASP A 10 -16.88 -7.08 13.10
CA ASP A 10 -17.23 -8.42 13.59
C ASP A 10 -17.66 -8.45 15.04
N GLU A 11 -17.08 -7.56 15.85
CA GLU A 11 -17.35 -7.55 17.27
C GLU A 11 -18.65 -6.81 17.53
N PRO A 12 -19.66 -7.49 18.07
CA PRO A 12 -21.01 -6.92 18.18
C PRO A 12 -21.13 -5.66 19.06
N VAL A 13 -20.38 -5.58 20.16
CA VAL A 13 -20.50 -4.38 21.00
C VAL A 13 -19.94 -3.15 20.30
N THR A 14 -18.78 -3.29 19.67
CA THR A 14 -18.19 -2.23 18.86
C THR A 14 -19.15 -1.79 17.75
N GLN A 15 -19.71 -2.78 17.05
CA GLN A 15 -20.63 -2.52 15.95
C GLN A 15 -21.86 -1.74 16.45
N ALA A 16 -22.40 -2.16 17.60
CA ALA A 16 -23.58 -1.53 18.16
C ALA A 16 -23.33 -0.10 18.62
N ARG A 17 -22.18 0.14 19.24
CA ARG A 17 -21.83 1.49 19.67
C ARG A 17 -21.63 2.44 18.50
N LEU A 18 -20.93 1.96 17.47
CA LEU A 18 -20.64 2.77 16.30
C LEU A 18 -21.90 3.16 15.52
N GLN A 19 -22.77 2.19 15.29
CA GLN A 19 -23.98 2.47 14.53
C GLN A 19 -24.86 3.43 15.33
N SER A 20 -24.91 3.23 16.63
CA SER A 20 -25.75 4.05 17.49
C SER A 20 -25.28 5.50 17.51
N TYR A 21 -23.99 5.68 17.77
CA TYR A 21 -23.45 7.03 17.84
C TYR A 21 -23.58 7.74 16.50
N PHE A 22 -23.29 7.04 15.41
CA PHE A 22 -23.39 7.70 14.11
C PHE A 22 -24.82 7.95 13.61
N THR A 23 -25.75 7.12 14.05
CA THR A 23 -27.15 7.34 13.72
C THR A 23 -27.67 8.60 14.39
N GLN A 24 -27.26 8.82 15.64
CA GLN A 24 -27.65 10.01 16.39
C GLN A 24 -27.10 11.30 15.75
N GLU A 25 -25.99 11.19 15.04
CA GLU A 25 -25.41 12.33 14.33
C GLU A 25 -26.13 12.63 13.03
N GLY A 26 -27.18 11.86 12.72
CA GLY A 26 -27.96 12.15 11.54
C GLY A 26 -27.52 11.43 10.28
N TYR A 27 -26.48 10.59 10.39
CA TYR A 27 -26.02 9.83 9.24
C TYR A 27 -26.91 8.66 8.89
N THR A 28 -26.86 8.24 7.64
CA THR A 28 -27.51 6.99 7.26
C THR A 28 -26.47 5.91 7.44
N VAL A 29 -26.77 4.91 8.25
CA VAL A 29 -25.76 3.91 8.64
C VAL A 29 -26.16 2.50 8.22
N SER A 30 -25.23 1.77 7.61
CA SER A 30 -25.40 0.35 7.34
C SER A 30 -24.28 -0.41 8.05
N VAL A 31 -24.57 -1.62 8.49
CA VAL A 31 -23.57 -2.43 9.16
C VAL A 31 -23.45 -3.76 8.45
N THR A 32 -22.26 -4.34 8.54
CA THR A 32 -22.01 -5.66 8.00
C THR A 32 -20.81 -6.24 8.72
N ALA A 33 -20.56 -7.52 8.52
CA ALA A 33 -19.42 -8.14 9.19
C ALA A 33 -18.40 -8.77 8.25
N SER A 34 -18.51 -8.54 6.95
CA SER A 34 -17.57 -9.16 6.01
C SER A 34 -17.30 -8.28 4.82
N GLY A 35 -16.21 -8.58 4.11
CA GLY A 35 -15.89 -7.92 2.86
C GLY A 35 -17.00 -8.14 1.86
N ALA A 36 -17.53 -9.36 1.82
CA ALA A 36 -18.59 -9.68 0.88
C ALA A 36 -19.83 -8.86 1.19
N GLY A 37 -20.15 -8.75 2.48
CA GLY A 37 -21.29 -7.97 2.91
C GLY A 37 -21.15 -6.49 2.55
N LEU A 38 -19.93 -5.99 2.65
CA LEU A 38 -19.65 -4.60 2.26
C LEU A 38 -19.82 -4.42 0.76
N ARG A 39 -19.28 -5.34 0.00
CA ARG A 39 -19.36 -5.28 -1.46
C ARG A 39 -20.82 -5.28 -1.91
N GLU A 40 -21.65 -6.06 -1.25
CA GLU A 40 -23.08 -6.08 -1.60
C GLU A 40 -23.74 -4.74 -1.34
N ILE A 41 -23.47 -4.16 -0.16
CA ILE A 41 -24.03 -2.86 0.18
C ILE A 41 -23.59 -1.81 -0.87
N MSE A 42 -22.31 -1.84 -1.22
CA MSE A 42 -21.79 -0.80 -2.12
C MSE A 42 -22.30 -0.93 -3.55
O MSE A 42 -22.24 0.02 -4.34
CB MSE A 42 -20.27 -0.83 -2.10
CG MSE A 42 -19.70 -0.33 -0.78
SE MSE A 42 -17.79 -0.39 -0.94
CE MSE A 42 -17.53 1.37 -1.81
N GLN A 43 -22.80 -2.12 -3.90
CA GLN A 43 -23.43 -2.32 -5.20
C GLN A 43 -24.87 -1.82 -5.18
N ASN A 44 -25.40 -1.59 -3.99
CA ASN A 44 -26.81 -1.29 -3.83
C ASN A 44 -27.15 0.13 -3.40
N GLN A 45 -26.13 0.89 -3.00
CA GLN A 45 -26.32 2.22 -2.45
C GLN A 45 -24.99 2.94 -2.47
N SER A 46 -25.00 4.26 -2.53
CA SER A 46 -23.71 4.97 -2.49
C SER A 46 -23.26 5.03 -1.05
N VAL A 47 -21.95 5.01 -0.88
CA VAL A 47 -21.35 4.96 0.44
C VAL A 47 -20.32 6.07 0.48
N ASP A 48 -20.39 6.95 1.48
CA ASP A 48 -19.47 8.07 1.59
C ASP A 48 -18.22 7.72 2.38
N LEU A 49 -18.39 6.86 3.38
CA LEU A 49 -17.35 6.59 4.33
C LEU A 49 -17.53 5.19 4.94
N ILE A 50 -16.43 4.49 5.10
CA ILE A 50 -16.44 3.12 5.64
C ILE A 50 -15.58 3.07 6.91
N LEU A 51 -16.14 2.49 7.96
CA LEU A 51 -15.35 2.16 9.15
C LEU A 51 -15.08 0.66 9.04
N LEU A 52 -13.82 0.30 8.92
CA LEU A 52 -13.45 -1.03 8.46
C LEU A 52 -12.48 -1.76 9.39
N ASP A 53 -12.94 -2.86 9.98
CA ASP A 53 -12.01 -3.68 10.75
C ASP A 53 -10.99 -4.41 9.88
N ILE A 54 -9.77 -4.58 10.39
CA ILE A 54 -8.75 -5.33 9.67
C ILE A 54 -9.10 -6.81 9.70
N ASN A 55 -9.60 -7.26 10.85
CA ASN A 55 -9.98 -8.65 11.08
C ASN A 55 -11.36 -8.99 10.54
N LEU A 56 -11.40 -9.56 9.33
CA LEU A 56 -12.67 -10.01 8.75
C LEU A 56 -12.60 -11.50 8.43
N PRO A 57 -13.75 -12.12 8.23
CA PRO A 57 -13.79 -13.57 7.96
C PRO A 57 -13.34 -13.94 6.55
N ASP A 58 -13.54 -13.06 5.55
CA ASP A 58 -13.20 -13.39 4.17
C ASP A 58 -11.88 -12.82 3.63
N GLU A 59 -11.72 -11.50 3.62
CA GLU A 59 -10.46 -10.88 3.19
C GLU A 59 -9.98 -9.85 4.23
N ASN A 60 -8.69 -9.85 4.48
CA ASN A 60 -8.04 -8.87 5.31
C ASN A 60 -8.54 -7.44 4.99
N GLY A 61 -8.85 -6.65 6.02
CA GLY A 61 -9.32 -5.31 5.80
C GLY A 61 -8.25 -4.39 5.21
N LEU A 62 -6.98 -4.73 5.38
CA LEU A 62 -5.91 -3.97 4.74
C LEU A 62 -5.98 -4.10 3.20
N MSE A 63 -6.34 -5.28 2.74
CA MSE A 63 -6.45 -5.55 1.32
C MSE A 63 -7.72 -4.93 0.74
O MSE A 63 -7.73 -4.41 -0.39
CB MSE A 63 -6.38 -7.06 1.06
CG MSE A 63 -5.00 -7.64 1.33
SE MSE A 63 -3.58 -6.72 0.28
CE MSE A 63 -2.83 -5.63 1.63
N LEU A 64 -8.79 -4.98 1.51
CA LEU A 64 -10.02 -4.31 1.15
C LEU A 64 -9.74 -2.83 0.95
N THR A 65 -8.94 -2.25 1.84
CA THR A 65 -8.60 -0.83 1.78
C THR A 65 -7.97 -0.46 0.45
N ARG A 66 -6.90 -1.16 0.04
CA ARG A 66 -6.31 -0.81 -1.24
C ARG A 66 -7.22 -1.15 -2.41
N ALA A 67 -7.98 -2.25 -2.34
CA ALA A 67 -8.89 -2.55 -3.46
C ALA A 67 -9.90 -1.42 -3.67
N LEU A 68 -10.44 -0.91 -2.57
CA LEU A 68 -11.39 0.21 -2.61
C LEU A 68 -10.74 1.50 -3.12
N ARG A 69 -9.58 1.82 -2.56
CA ARG A 69 -8.90 3.10 -2.84
C ARG A 69 -8.37 3.18 -4.27
N GLU A 70 -8.04 2.04 -4.85
CA GLU A 70 -7.55 2.03 -6.23
C GLU A 70 -8.59 2.57 -7.21
N ARG A 71 -9.87 2.51 -6.86
CA ARG A 71 -10.92 3.01 -7.76
C ARG A 71 -11.63 4.27 -7.26
N SER A 72 -11.63 4.48 -5.93
CA SER A 72 -12.63 5.36 -5.32
C SER A 72 -12.00 6.35 -4.35
N THR A 73 -12.64 7.51 -4.18
CA THR A 73 -12.26 8.43 -3.12
C THR A 73 -13.02 8.19 -1.82
N VAL A 74 -13.75 7.09 -1.72
CA VAL A 74 -14.49 6.79 -0.49
C VAL A 74 -13.64 7.00 0.78
N GLY A 75 -14.23 7.61 1.81
CA GLY A 75 -13.57 7.67 3.11
C GLY A 75 -13.34 6.28 3.68
N ILE A 76 -12.13 6.06 4.22
CA ILE A 76 -11.82 4.80 4.92
C ILE A 76 -11.08 5.00 6.24
N ILE A 77 -11.68 4.52 7.33
CA ILE A 77 -10.99 4.51 8.61
C ILE A 77 -10.90 3.08 9.08
N LEU A 78 -9.66 2.62 9.28
CA LEU A 78 -9.45 1.25 9.68
C LEU A 78 -9.57 1.17 11.21
N VAL A 79 -10.12 0.05 11.68
CA VAL A 79 -10.32 -0.20 13.10
C VAL A 79 -9.61 -1.51 13.43
N THR A 80 -8.81 -1.53 14.49
CA THR A 80 -8.18 -2.79 14.89
C THR A 80 -8.19 -2.99 16.40
N GLY A 81 -8.17 -4.24 16.83
CA GLY A 81 -8.05 -4.57 18.23
C GLY A 81 -6.62 -4.86 18.61
N ARG A 82 -5.74 -4.82 17.62
CA ARG A 82 -4.33 -5.14 17.85
C ARG A 82 -3.42 -4.04 17.34
N SER A 83 -2.94 -3.18 18.24
CA SER A 83 -1.91 -2.21 17.89
C SER A 83 -0.74 -2.99 17.30
N ASP A 84 -0.35 -2.64 16.08
CA ASP A 84 0.64 -3.41 15.34
C ASP A 84 1.18 -2.47 14.28
N ARG A 85 2.48 -2.24 14.30
CA ARG A 85 3.03 -1.24 13.40
C ARG A 85 2.93 -1.63 11.93
N ILE A 86 3.16 -2.88 11.58
CA ILE A 86 3.08 -3.12 10.15
C ILE A 86 1.66 -2.95 9.63
N ASP A 87 0.65 -3.34 10.41
CA ASP A 87 -0.75 -3.09 10.05
C ASP A 87 -1.04 -1.58 9.89
N ARG A 88 -0.53 -0.77 10.82
CA ARG A 88 -0.74 0.69 10.79
C ARG A 88 -0.08 1.39 9.59
N ILE A 89 1.19 1.11 9.34
CA ILE A 89 1.87 1.68 8.18
C ILE A 89 1.28 1.14 6.88
N VAL A 90 1.10 -0.18 6.79
CA VAL A 90 0.51 -0.75 5.58
C VAL A 90 -0.88 -0.17 5.33
N GLY A 91 -1.70 -0.15 6.38
CA GLY A 91 -3.03 0.41 6.25
C GLY A 91 -3.08 1.83 5.75
N LEU A 92 -2.29 2.71 6.34
CA LEU A 92 -2.22 4.07 5.84
C LEU A 92 -1.66 4.12 4.42
N GLU A 93 -0.60 3.35 4.13
CA GLU A 93 -0.09 3.30 2.76
C GLU A 93 -1.09 2.75 1.71
N MSE A 94 -1.98 1.87 2.13
CA MSE A 94 -2.96 1.27 1.24
C MSE A 94 -4.04 2.30 0.89
O MSE A 94 -4.78 2.13 -0.06
CB MSE A 94 -3.64 0.04 1.88
CG MSE A 94 -2.78 -1.22 1.99
SE MSE A 94 -1.84 -1.68 0.30
CE MSE A 94 -0.07 -0.90 0.85
N GLY A 95 -4.11 3.39 1.68
CA GLY A 95 -5.06 4.45 1.40
C GLY A 95 -6.04 4.82 2.50
N ALA A 96 -5.94 4.18 3.67
CA ALA A 96 -6.83 4.54 4.77
C ALA A 96 -6.59 5.98 5.19
N ASP A 97 -7.69 6.72 5.39
CA ASP A 97 -7.61 8.08 5.92
C ASP A 97 -7.20 8.14 7.39
N ASP A 98 -7.52 7.08 8.15
CA ASP A 98 -7.06 6.96 9.53
C ASP A 98 -7.12 5.51 9.99
N TYR A 99 -6.46 5.26 11.13
CA TYR A 99 -6.29 3.93 11.72
C TYR A 99 -6.48 4.15 13.21
N VAL A 100 -7.44 3.45 13.79
CA VAL A 100 -7.77 3.61 15.21
C VAL A 100 -7.87 2.26 15.89
N THR A 101 -7.51 2.20 17.16
CA THR A 101 -7.49 0.92 17.88
C THR A 101 -8.61 0.78 18.89
N LYS A 102 -9.07 -0.44 19.09
CA LYS A 102 -10.00 -0.75 20.17
C LYS A 102 -9.21 -0.78 21.49
N PRO A 103 -9.85 -0.42 22.59
CA PRO A 103 -11.25 0.04 22.59
C PRO A 103 -11.34 1.48 22.09
N LEU A 104 -12.43 1.78 21.42
CA LEU A 104 -12.51 3.01 20.65
C LEU A 104 -12.66 4.25 21.51
N GLU A 105 -11.89 5.28 21.16
CA GLU A 105 -12.14 6.60 21.73
C GLU A 105 -13.22 7.21 20.85
N LEU A 106 -14.45 7.03 21.31
CA LEU A 106 -15.63 7.16 20.46
C LEU A 106 -15.96 8.60 20.11
N ARG A 107 -15.80 9.49 21.08
CA ARG A 107 -16.06 10.90 20.82
C ARG A 107 -15.06 11.44 19.81
N GLU A 108 -13.82 11.04 19.97
CA GLU A 108 -12.77 11.41 19.03
C GLU A 108 -13.10 10.89 17.63
N LEU A 109 -13.55 9.64 17.54
CA LEU A 109 -13.90 9.09 16.24
C LEU A 109 -15.05 9.84 15.54
N VAL A 110 -16.07 10.20 16.31
CA VAL A 110 -17.17 10.97 15.74
C VAL A 110 -16.67 12.26 15.11
N VAL A 111 -15.78 12.98 15.80
CA VAL A 111 -15.25 14.22 15.22
C VAL A 111 -14.37 13.95 14.00
N ARG A 112 -13.55 12.90 14.06
CA ARG A 112 -12.73 12.54 12.91
C ARG A 112 -13.62 12.29 11.71
N VAL A 113 -14.69 11.55 11.92
CA VAL A 113 -15.63 11.25 10.83
C VAL A 113 -16.24 12.53 10.29
N LYS A 114 -16.69 13.39 11.19
CA LYS A 114 -17.21 14.68 10.77
C LYS A 114 -16.23 15.43 9.86
N ASN A 115 -14.97 15.51 10.28
CA ASN A 115 -13.98 16.26 9.53
C ASN A 115 -13.61 15.61 8.21
N LEU A 116 -13.59 14.29 8.19
CA LEU A 116 -13.27 13.58 6.95
C LEU A 116 -14.38 13.75 5.92
N LEU A 117 -15.63 13.66 6.36
CA LEU A 117 -16.74 13.85 5.46
C LEU A 117 -16.75 15.28 4.90
N TRP A 118 -16.43 16.25 5.76
CA TRP A 118 -16.29 17.64 5.30
C TRP A 118 -15.20 17.76 4.23
N ARG A 119 -14.09 17.06 4.45
CA ARG A 119 -12.92 17.10 3.57
C ARG A 119 -13.24 16.43 2.23
N ILE A 120 -14.00 15.35 2.25
CA ILE A 120 -14.38 14.64 1.02
C ILE A 120 -15.38 15.46 0.20
N ASP A 121 -16.17 16.28 0.88
CA ASP A 121 -17.17 17.14 0.24
C ASP A 121 -16.59 18.44 -0.32
N GLN A 122 -15.28 18.65 -0.18
CA GLN A 122 -14.69 19.93 -0.62
C GLN A 122 -14.52 19.96 -2.15
N PRO B 2 5.40 21.35 -6.71
CA PRO B 2 5.20 20.45 -5.54
C PRO B 2 4.22 21.07 -4.56
N HIS B 3 3.74 20.29 -3.58
CA HIS B 3 2.86 20.85 -2.59
C HIS B 3 3.67 21.64 -1.58
N HIS B 4 3.06 22.70 -1.08
CA HIS B 4 3.72 23.58 -0.13
C HIS B 4 3.25 23.26 1.30
N ILE B 5 4.20 22.88 2.13
CA ILE B 5 3.93 22.59 3.55
C ILE B 5 4.56 23.65 4.41
N VAL B 6 3.84 24.08 5.45
CA VAL B 6 4.40 24.99 6.44
C VAL B 6 4.46 24.26 7.78
N ILE B 7 5.64 24.29 8.39
CA ILE B 7 5.87 23.72 9.71
C ILE B 7 5.91 24.85 10.73
N VAL B 8 5.01 24.78 11.70
CA VAL B 8 5.01 25.75 12.77
C VAL B 8 5.55 25.07 14.01
N GLU B 9 6.80 25.38 14.34
CA GLU B 9 7.50 24.63 15.39
C GLU B 9 8.43 25.59 16.12
N ASP B 10 8.21 25.74 17.42
CA ASP B 10 8.99 26.65 18.27
C ASP B 10 10.44 26.17 18.48
N GLU B 11 10.65 24.86 18.50
CA GLU B 11 11.91 24.29 18.97
C GLU B 11 12.87 24.10 17.77
N PRO B 12 13.96 24.86 17.75
CA PRO B 12 14.87 24.89 16.60
C PRO B 12 15.38 23.53 16.15
N VAL B 13 15.73 22.65 17.09
CA VAL B 13 16.18 21.31 16.71
C VAL B 13 15.09 20.55 15.97
N THR B 14 13.87 20.62 16.51
CA THR B 14 12.76 19.89 15.94
C THR B 14 12.38 20.55 14.61
N GLN B 15 12.45 21.87 14.57
CA GLN B 15 12.26 22.60 13.33
C GLN B 15 13.15 22.07 12.21
N ALA B 16 14.44 21.91 12.51
CA ALA B 16 15.39 21.39 11.52
C ALA B 16 15.14 19.94 11.13
N ARG B 17 14.86 19.09 12.12
CA ARG B 17 14.61 17.67 11.90
C ARG B 17 13.43 17.47 10.94
N LEU B 18 12.37 18.25 11.16
CA LEU B 18 11.16 18.15 10.33
C LEU B 18 11.38 18.71 8.93
N GLN B 19 11.89 19.93 8.85
CA GLN B 19 12.15 20.57 7.57
C GLN B 19 13.07 19.69 6.75
N SER B 20 14.07 19.12 7.41
CA SER B 20 15.00 18.23 6.74
C SER B 20 14.29 17.02 6.13
N TYR B 21 13.49 16.34 6.95
CA TYR B 21 12.81 15.11 6.54
C TYR B 21 11.84 15.38 5.40
N PHE B 22 11.06 16.46 5.50
CA PHE B 22 10.10 16.77 4.45
C PHE B 22 10.71 17.31 3.16
N THR B 23 11.80 18.07 3.29
CA THR B 23 12.55 18.51 2.12
C THR B 23 13.11 17.30 1.39
N GLN B 24 13.56 16.31 2.15
CA GLN B 24 14.13 15.10 1.56
C GLN B 24 13.09 14.26 0.83
N GLU B 25 11.82 14.46 1.16
CA GLU B 25 10.75 13.68 0.54
C GLU B 25 10.08 14.40 -0.64
N GLY B 26 10.58 15.58 -0.99
CA GLY B 26 10.14 16.28 -2.20
C GLY B 26 9.35 17.57 -2.03
N TYR B 27 9.09 17.98 -0.80
CA TYR B 27 8.17 19.11 -0.57
C TYR B 27 8.80 20.47 -0.55
N THR B 28 8.03 21.46 -1.00
CA THR B 28 8.35 22.84 -0.72
C THR B 28 7.96 23.07 0.74
N VAL B 29 8.94 23.38 1.57
CA VAL B 29 8.74 23.50 3.00
C VAL B 29 9.08 24.90 3.45
N SER B 30 8.19 25.51 4.22
CA SER B 30 8.51 26.75 4.92
C SER B 30 8.42 26.46 6.42
N VAL B 31 9.22 27.18 7.19
CA VAL B 31 9.26 27.02 8.64
C VAL B 31 8.96 28.32 9.32
N THR B 32 8.28 28.23 10.44
CA THR B 32 8.08 29.38 11.28
C THR B 32 7.92 28.89 12.72
N ALA B 33 8.26 29.76 13.66
CA ALA B 33 8.21 29.44 15.07
C ALA B 33 6.96 29.99 15.73
N SER B 34 6.18 30.75 14.99
CA SER B 34 5.06 31.48 15.56
C SER B 34 3.84 31.49 14.64
N GLY B 35 2.69 31.79 15.21
CA GLY B 35 1.45 31.97 14.45
C GLY B 35 1.46 33.26 13.66
N ALA B 36 2.33 34.20 14.02
CA ALA B 36 2.52 35.42 13.25
C ALA B 36 3.28 35.09 11.99
N GLY B 37 4.36 34.34 12.16
CA GLY B 37 5.09 33.79 11.03
C GLY B 37 4.14 33.07 10.09
N LEU B 38 3.27 32.23 10.64
CA LEU B 38 2.32 31.46 9.84
C LEU B 38 1.34 32.35 9.09
N ARG B 39 0.70 33.26 9.82
CA ARG B 39 -0.22 34.20 9.19
C ARG B 39 0.43 34.99 8.05
N GLU B 40 1.74 35.23 8.17
CA GLU B 40 2.50 35.99 7.16
C GLU B 40 2.81 35.18 5.91
N ILE B 41 3.31 33.96 6.08
CA ILE B 41 3.62 33.11 4.93
C ILE B 41 2.37 32.91 4.07
N MSE B 42 1.22 32.88 4.72
CA MSE B 42 -0.03 32.53 4.05
C MSE B 42 -0.70 33.65 3.28
O MSE B 42 -1.08 33.48 2.12
CB MSE B 42 -1.00 31.97 5.06
CG MSE B 42 -0.77 30.51 5.30
SE MSE B 42 -2.25 29.79 6.24
CE MSE B 42 -3.45 29.50 4.77
N GLN B 43 -0.91 34.79 3.94
CA GLN B 43 -1.49 35.93 3.25
C GLN B 43 -0.61 36.19 2.03
N ASN B 44 0.66 35.80 2.15
CA ASN B 44 1.66 36.11 1.14
C ASN B 44 2.07 34.96 0.22
N GLN B 45 1.64 33.75 0.54
CA GLN B 45 2.02 32.59 -0.28
C GLN B 45 0.90 31.55 -0.20
N SER B 46 0.84 30.64 -1.17
CA SER B 46 -0.21 29.62 -1.13
C SER B 46 0.30 28.39 -0.37
N VAL B 47 -0.49 27.90 0.56
CA VAL B 47 -0.02 26.86 1.45
C VAL B 47 -1.01 25.72 1.37
N ASP B 48 -0.54 24.49 1.22
CA ASP B 48 -1.50 23.39 1.09
C ASP B 48 -1.80 22.73 2.42
N LEU B 49 -0.79 22.68 3.28
CA LEU B 49 -0.88 21.94 4.52
C LEU B 49 0.03 22.53 5.56
N ILE B 50 -0.48 22.61 6.78
CA ILE B 50 0.26 23.09 7.95
C ILE B 50 0.48 21.95 8.93
N LEU B 51 1.73 21.76 9.35
CA LEU B 51 2.03 20.87 10.46
C LEU B 51 2.29 21.79 11.65
N LEU B 52 1.38 21.78 12.61
CA LEU B 52 1.30 22.80 13.65
C LEU B 52 1.56 22.16 15.01
N ASP B 53 2.72 22.46 15.60
CA ASP B 53 3.02 22.00 16.94
C ASP B 53 2.34 22.95 17.92
N ILE B 54 1.35 22.44 18.64
CA ILE B 54 0.52 23.29 19.50
C ILE B 54 1.18 23.67 20.83
N ASN B 55 2.37 23.13 21.10
CA ASN B 55 3.18 23.58 22.24
C ASN B 55 3.99 24.79 21.80
N LEU B 56 3.30 25.92 21.66
CA LEU B 56 3.92 27.17 21.31
C LEU B 56 3.85 28.05 22.55
N PRO B 57 4.99 28.34 23.15
CA PRO B 57 5.03 29.22 24.32
C PRO B 57 4.35 30.59 24.05
N ASP B 58 3.52 31.06 24.98
CA ASP B 58 2.88 32.38 24.85
C ASP B 58 1.80 32.44 23.78
N GLU B 59 1.41 31.29 23.28
CA GLU B 59 0.45 31.23 22.18
C GLU B 59 -0.49 30.06 22.40
N ASN B 60 -1.71 30.19 21.88
CA ASN B 60 -2.69 29.12 21.96
C ASN B 60 -2.87 28.44 20.60
N GLY B 61 -2.26 27.26 20.44
CA GLY B 61 -2.29 26.58 19.16
C GLY B 61 -3.64 25.99 18.78
N LEU B 62 -4.46 25.69 19.77
CA LEU B 62 -5.83 25.24 19.47
C LEU B 62 -6.66 26.38 18.90
N MSE B 63 -6.47 27.59 19.42
CA MSE B 63 -7.19 28.75 18.89
C MSE B 63 -6.65 29.18 17.52
O MSE B 63 -7.39 29.67 16.69
CB MSE B 63 -7.19 29.92 19.89
CG MSE B 63 -8.09 29.67 21.11
SE MSE B 63 -10.02 29.50 20.63
CE MSE B 63 -10.31 31.26 20.22
N LEU B 64 -5.36 28.96 17.31
CA LEU B 64 -4.77 29.14 15.98
C LEU B 64 -5.41 28.21 14.97
N THR B 65 -5.59 26.94 15.36
CA THR B 65 -6.31 25.98 14.53
C THR B 65 -7.72 26.46 14.21
N ARG B 66 -8.42 26.91 15.25
CA ARG B 66 -9.80 27.36 15.11
C ARG B 66 -9.90 28.47 14.10
N ALA B 67 -8.99 29.45 14.23
CA ALA B 67 -8.94 30.60 13.32
C ALA B 67 -8.61 30.17 11.88
N LEU B 68 -7.69 29.24 11.73
CA LEU B 68 -7.28 28.83 10.37
C LEU B 68 -8.46 28.20 9.64
N ARG B 69 -9.18 27.35 10.35
CA ARG B 69 -10.23 26.58 9.71
C ARG B 69 -11.43 27.47 9.49
N GLU B 70 -11.60 28.45 10.36
CA GLU B 70 -12.64 29.45 10.12
C GLU B 70 -12.41 30.13 8.77
N ARG B 71 -11.15 30.37 8.42
CA ARG B 71 -10.84 31.15 7.22
C ARG B 71 -10.53 30.36 5.96
N SER B 72 -10.09 29.11 6.10
CA SER B 72 -9.62 28.41 4.91
C SER B 72 -9.71 26.88 5.03
N THR B 73 -9.60 26.20 3.90
CA THR B 73 -9.63 24.73 3.85
C THR B 73 -8.22 24.14 3.91
N VAL B 74 -7.23 24.94 4.28
CA VAL B 74 -5.84 24.44 4.40
C VAL B 74 -5.82 23.14 5.22
N GLY B 75 -4.98 22.18 4.82
CA GLY B 75 -4.85 20.97 5.60
C GLY B 75 -4.15 21.32 6.91
N ILE B 76 -4.57 20.69 8.01
CA ILE B 76 -3.97 20.96 9.30
C ILE B 76 -3.74 19.65 10.02
N ILE B 77 -2.49 19.35 10.31
CA ILE B 77 -2.15 18.21 11.14
C ILE B 77 -1.47 18.79 12.38
N LEU B 78 -2.02 18.50 13.56
CA LEU B 78 -1.44 18.97 14.82
C LEU B 78 -0.39 18.02 15.33
N VAL B 79 0.62 18.58 16.00
CA VAL B 79 1.62 17.83 16.70
C VAL B 79 1.34 18.11 18.16
N THR B 80 1.04 17.07 18.92
CA THR B 80 0.67 17.24 20.33
C THR B 80 1.65 16.47 21.21
N GLY B 81 1.58 16.67 22.53
CA GLY B 81 2.45 15.93 23.45
C GLY B 81 1.77 14.66 23.93
N ARG B 82 2.53 13.76 24.55
CA ARG B 82 1.96 12.48 25.01
C ARG B 82 1.03 12.62 26.23
N SER B 83 0.94 13.83 26.78
CA SER B 83 0.08 14.08 27.93
C SER B 83 -1.07 14.99 27.52
N ASP B 84 -1.58 14.77 26.32
CA ASP B 84 -2.44 15.76 25.67
C ASP B 84 -3.78 15.20 25.21
N ARG B 85 -4.28 14.15 25.86
CA ARG B 85 -5.48 13.46 25.35
C ARG B 85 -6.59 14.45 25.03
N ILE B 86 -6.84 15.34 25.98
CA ILE B 86 -7.79 16.42 25.81
C ILE B 86 -7.58 17.17 24.49
N ASP B 87 -6.32 17.45 24.16
CA ASP B 87 -6.00 18.32 23.02
C ASP B 87 -6.31 17.64 21.71
N ARG B 88 -6.31 16.32 21.73
CA ARG B 88 -6.67 15.54 20.55
C ARG B 88 -8.10 15.86 20.13
N ILE B 89 -9.06 15.56 21.00
CA ILE B 89 -10.43 15.82 20.62
C ILE B 89 -10.68 17.32 20.44
N VAL B 90 -10.12 18.16 21.32
CA VAL B 90 -10.35 19.58 21.14
C VAL B 90 -9.71 20.00 19.83
N GLY B 91 -8.52 19.51 19.53
CA GLY B 91 -7.88 19.86 18.28
C GLY B 91 -8.67 19.48 17.04
N LEU B 92 -9.25 18.28 17.02
CA LEU B 92 -10.14 17.92 15.92
C LEU B 92 -11.39 18.80 15.91
N GLU B 93 -11.91 19.13 17.09
CA GLU B 93 -13.08 20.00 17.14
C GLU B 93 -12.78 21.40 16.60
N MSE B 94 -11.53 21.85 16.73
CA MSE B 94 -11.16 23.17 16.23
C MSE B 94 -11.06 23.11 14.73
O MSE B 94 -11.07 24.14 14.08
CB MSE B 94 -9.83 23.68 16.81
CG MSE B 94 -9.78 23.86 18.34
SE MSE B 94 -11.12 25.13 18.92
CE MSE B 94 -12.59 23.88 19.36
N GLY B 95 -10.93 21.90 14.17
CA GLY B 95 -10.88 21.77 12.73
C GLY B 95 -9.66 21.07 12.16
N ALA B 96 -8.76 20.59 13.01
CA ALA B 96 -7.62 19.84 12.49
C ALA B 96 -8.08 18.60 11.73
N ASP B 97 -7.40 18.28 10.62
CA ASP B 97 -7.68 17.05 9.90
C ASP B 97 -7.20 15.82 10.61
N ASP B 98 -6.10 15.98 11.35
CA ASP B 98 -5.42 14.86 11.95
C ASP B 98 -4.47 15.37 13.00
N TYR B 99 -3.91 14.46 13.81
CA TYR B 99 -2.88 14.84 14.76
C TYR B 99 -1.90 13.69 14.91
N VAL B 100 -0.69 14.01 15.35
CA VAL B 100 0.25 12.98 15.70
C VAL B 100 0.85 13.38 17.04
N THR B 101 1.43 12.42 17.75
CA THR B 101 2.00 12.71 19.06
C THR B 101 3.51 12.64 19.04
N LYS B 102 4.12 13.35 19.98
CA LYS B 102 5.53 13.20 20.24
C LYS B 102 5.76 11.98 21.11
N PRO B 103 6.94 11.39 21.03
CA PRO B 103 7.97 11.78 20.06
C PRO B 103 7.55 11.46 18.62
N LEU B 104 8.06 12.25 17.68
CA LEU B 104 7.49 12.26 16.33
C LEU B 104 8.01 11.12 15.49
N GLU B 105 7.12 10.24 15.10
CA GLU B 105 7.45 9.08 14.28
C GLU B 105 7.34 9.53 12.82
N LEU B 106 8.48 9.72 12.17
CA LEU B 106 8.47 10.45 10.91
C LEU B 106 7.88 9.66 9.76
N ARG B 107 8.15 8.35 9.71
CA ARG B 107 7.68 7.56 8.60
C ARG B 107 6.15 7.62 8.55
N GLU B 108 5.51 7.48 9.70
CA GLU B 108 4.07 7.49 9.75
C GLU B 108 3.52 8.89 9.45
N LEU B 109 4.19 9.92 9.97
CA LEU B 109 3.77 11.30 9.71
C LEU B 109 3.78 11.61 8.22
N VAL B 110 4.80 11.16 7.51
CA VAL B 110 4.89 11.49 6.10
C VAL B 110 3.76 10.78 5.35
N VAL B 111 3.39 9.57 5.74
CA VAL B 111 2.26 8.94 5.06
C VAL B 111 0.96 9.71 5.34
N ARG B 112 0.77 10.20 6.57
CA ARG B 112 -0.45 10.95 6.89
C ARG B 112 -0.52 12.24 6.08
N VAL B 113 0.63 12.89 5.94
CA VAL B 113 0.76 14.10 5.14
C VAL B 113 0.42 13.81 3.67
N LYS B 114 1.00 12.74 3.13
CA LYS B 114 0.70 12.33 1.74
C LYS B 114 -0.80 12.05 1.53
N ASN B 115 -1.42 11.32 2.46
CA ASN B 115 -2.83 10.99 2.29
C ASN B 115 -3.72 12.23 2.39
N LEU B 116 -3.39 13.12 3.33
CA LEU B 116 -4.17 14.35 3.44
C LEU B 116 -3.99 15.23 2.21
N LEU B 117 -2.77 15.31 1.70
CA LEU B 117 -2.53 16.11 0.48
C LEU B 117 -3.29 15.56 -0.73
N TRP B 118 -3.42 14.25 -0.80
CA TRP B 118 -4.21 13.62 -1.85
C TRP B 118 -5.68 14.09 -1.74
N ARG B 119 -6.18 14.17 -0.51
CA ARG B 119 -7.52 14.71 -0.29
C ARG B 119 -7.66 16.20 -0.58
N ILE B 120 -6.59 16.95 -0.33
CA ILE B 120 -6.55 18.39 -0.59
C ILE B 120 -6.46 18.73 -2.08
N ASP B 121 -5.74 17.92 -2.85
CA ASP B 121 -5.50 18.24 -4.25
C ASP B 121 -6.02 17.15 -5.18
N PRO C 2 20.28 -5.33 -27.15
CA PRO C 2 19.63 -6.28 -26.20
C PRO C 2 18.88 -5.52 -25.11
N HIS C 3 18.35 -6.22 -24.12
CA HIS C 3 17.58 -5.62 -23.02
C HIS C 3 18.47 -4.79 -22.09
N HIS C 4 17.92 -3.67 -21.60
CA HIS C 4 18.65 -2.74 -20.74
C HIS C 4 18.13 -2.76 -19.30
N ILE C 5 19.03 -3.08 -18.36
CA ILE C 5 18.68 -3.15 -16.95
C ILE C 5 19.44 -2.05 -16.18
N VAL C 6 18.76 -1.42 -15.24
CA VAL C 6 19.42 -0.47 -14.34
C VAL C 6 19.30 -1.00 -12.94
N ILE C 7 20.43 -1.01 -12.23
CA ILE C 7 20.45 -1.42 -10.85
C ILE C 7 20.62 -0.18 -10.01
N VAL C 8 19.71 0.01 -9.05
CA VAL C 8 19.77 1.15 -8.15
C VAL C 8 20.11 0.61 -6.78
N GLU C 9 21.40 0.65 -6.44
CA GLU C 9 21.88 0.08 -5.18
C GLU C 9 23.22 0.71 -4.82
N ASP C 10 23.48 0.83 -3.53
CA ASP C 10 24.80 1.22 -3.06
C ASP C 10 25.40 0.12 -2.19
N GLU C 11 26.01 -0.87 -2.84
CA GLU C 11 26.61 -1.97 -2.12
C GLU C 11 27.80 -2.53 -2.90
N PRO C 12 28.96 -1.91 -2.66
CA PRO C 12 30.23 -2.33 -3.28
C PRO C 12 30.51 -3.84 -3.18
N VAL C 13 30.04 -4.47 -2.12
CA VAL C 13 30.29 -5.89 -1.88
C VAL C 13 29.59 -6.75 -2.93
N THR C 14 28.53 -6.21 -3.52
CA THR C 14 27.67 -6.99 -4.42
C THR C 14 27.62 -6.45 -5.84
N GLN C 15 28.11 -5.21 -6.03
CA GLN C 15 27.93 -4.49 -7.30
C GLN C 15 28.48 -5.27 -8.49
N ALA C 16 29.74 -5.64 -8.40
CA ALA C 16 30.42 -6.31 -9.48
C ALA C 16 29.73 -7.63 -9.79
N ARG C 17 29.32 -8.34 -8.75
CA ARG C 17 28.68 -9.63 -8.98
C ARG C 17 27.35 -9.48 -9.75
N LEU C 18 26.54 -8.49 -9.40
CA LEU C 18 25.32 -8.18 -10.16
C LEU C 18 25.60 -7.74 -11.60
N GLN C 19 26.55 -6.84 -11.77
CA GLN C 19 26.94 -6.39 -13.09
C GLN C 19 27.39 -7.58 -13.88
N SER C 20 28.19 -8.42 -13.25
CA SER C 20 28.77 -9.58 -13.90
C SER C 20 27.74 -10.59 -14.35
N TYR C 21 26.86 -11.01 -13.44
CA TYR C 21 25.82 -11.98 -13.80
C TYR C 21 24.95 -11.52 -14.95
N PHE C 22 24.45 -10.30 -14.87
CA PHE C 22 23.51 -9.81 -15.86
C PHE C 22 24.21 -9.51 -17.19
N THR C 23 25.44 -9.05 -17.12
CA THR C 23 26.20 -8.85 -18.36
C THR C 23 26.45 -10.18 -19.08
N GLN C 24 26.83 -11.20 -18.34
CA GLN C 24 27.11 -12.50 -18.96
C GLN C 24 25.86 -13.11 -19.59
N GLU C 25 24.70 -12.72 -19.04
CA GLU C 25 23.40 -13.10 -19.55
C GLU C 25 22.99 -12.30 -20.80
N GLY C 26 23.82 -11.35 -21.21
CA GLY C 26 23.54 -10.64 -22.44
C GLY C 26 22.91 -9.26 -22.29
N TYR C 27 22.61 -8.85 -21.06
CA TYR C 27 21.93 -7.58 -20.85
C TYR C 27 22.94 -6.45 -20.78
N THR C 28 22.54 -5.22 -21.12
CA THR C 28 23.38 -4.11 -20.70
C THR C 28 22.96 -3.68 -19.31
N VAL C 29 23.95 -3.40 -18.47
CA VAL C 29 23.72 -3.12 -17.05
C VAL C 29 24.36 -1.80 -16.68
N SER C 30 23.53 -0.85 -16.29
CA SER C 30 23.99 0.39 -15.71
C SER C 30 23.66 0.39 -14.22
N VAL C 31 24.62 0.77 -13.39
CA VAL C 31 24.42 0.80 -11.95
C VAL C 31 24.41 2.23 -11.43
N THR C 32 23.63 2.48 -10.38
CA THR C 32 23.54 3.80 -9.78
C THR C 32 23.11 3.71 -8.33
N ALA C 33 23.59 4.62 -7.50
CA ALA C 33 23.29 4.55 -6.09
C ALA C 33 22.12 5.45 -5.71
N SER C 34 21.54 6.15 -6.68
CA SER C 34 20.50 7.12 -6.34
C SER C 34 19.36 7.18 -7.32
N GLY C 35 18.18 7.57 -6.83
CA GLY C 35 17.05 7.85 -7.69
C GLY C 35 17.43 8.89 -8.73
N ALA C 36 18.24 9.87 -8.32
CA ALA C 36 18.69 10.90 -9.24
C ALA C 36 19.50 10.28 -10.39
N GLY C 37 20.45 9.42 -10.04
CA GLY C 37 21.23 8.72 -11.04
C GLY C 37 20.37 7.91 -12.01
N LEU C 38 19.26 7.37 -11.50
CA LEU C 38 18.32 6.62 -12.34
C LEU C 38 17.62 7.55 -13.30
N ARG C 39 17.18 8.69 -12.79
CA ARG C 39 16.50 9.66 -13.64
C ARG C 39 17.40 10.08 -14.79
N GLU C 40 18.68 10.30 -14.52
CA GLU C 40 19.59 10.76 -15.58
C GLU C 40 19.89 9.65 -16.60
N ILE C 41 20.01 8.42 -16.13
CA ILE C 41 20.26 7.29 -17.04
C ILE C 41 19.09 7.13 -18.01
N MSE C 42 17.89 7.34 -17.51
CA MSE C 42 16.69 7.11 -18.30
C MSE C 42 16.47 8.16 -19.39
O MSE C 42 15.78 7.89 -20.38
CB MSE C 42 15.47 7.00 -17.40
CG MSE C 42 15.29 5.58 -16.86
SE MSE C 42 13.75 5.46 -15.66
CE MSE C 42 12.44 4.79 -16.94
N GLN C 43 17.05 9.34 -19.22
CA GLN C 43 16.99 10.35 -20.27
C GLN C 43 17.89 9.94 -21.43
N ASN C 44 18.95 9.18 -21.13
CA ASN C 44 19.98 8.87 -22.10
C ASN C 44 19.83 7.53 -22.81
N GLN C 45 19.00 6.66 -22.25
CA GLN C 45 18.75 5.36 -22.86
C GLN C 45 17.39 4.82 -22.46
N SER C 46 16.87 3.89 -23.26
CA SER C 46 15.64 3.21 -22.90
C SER C 46 16.00 2.12 -21.90
N VAL C 47 15.14 1.94 -20.90
CA VAL C 47 15.38 1.00 -19.81
C VAL C 47 14.22 0.02 -19.78
N ASP C 48 14.51 -1.27 -19.79
CA ASP C 48 13.46 -2.29 -19.83
C ASP C 48 13.08 -2.74 -18.43
N LEU C 49 14.07 -2.74 -17.54
CA LEU C 49 13.79 -3.22 -16.18
C LEU C 49 14.73 -2.57 -15.17
N ILE C 50 14.18 -2.26 -14.00
CA ILE C 50 14.94 -1.64 -12.93
C ILE C 50 14.97 -2.60 -11.76
N LEU C 51 16.15 -2.89 -11.23
CA LEU C 51 16.28 -3.58 -9.95
C LEU C 51 16.57 -2.52 -8.89
N LEU C 52 15.63 -2.33 -7.97
CA LEU C 52 15.67 -1.19 -7.06
C LEU C 52 15.82 -1.67 -5.64
N ASP C 53 16.97 -1.37 -5.03
CA ASP C 53 17.18 -1.67 -3.63
C ASP C 53 16.52 -0.55 -2.83
N ILE C 54 15.58 -0.88 -1.94
CA ILE C 54 14.88 0.20 -1.23
C ILE C 54 15.65 0.78 -0.04
N ASN C 55 16.76 0.14 0.32
CA ASN C 55 17.65 0.69 1.34
C ASN C 55 18.42 1.88 0.78
N LEU C 56 17.73 3.01 0.65
CA LEU C 56 18.37 4.26 0.30
C LEU C 56 18.25 5.18 1.52
N PRO C 57 19.37 5.39 2.20
CA PRO C 57 19.40 6.13 3.47
C PRO C 57 18.71 7.49 3.39
N ASP C 58 18.91 8.20 2.28
CA ASP C 58 18.47 9.59 2.16
C ASP C 58 17.41 9.82 1.09
N GLU C 59 16.62 8.81 0.78
CA GLU C 59 15.57 8.94 -0.22
C GLU C 59 14.47 7.94 0.03
N ASN C 60 13.26 8.25 -0.42
CA ASN C 60 12.15 7.35 -0.22
C ASN C 60 12.02 6.47 -1.45
N GLY C 61 12.43 5.20 -1.34
CA GLY C 61 12.40 4.28 -2.46
C GLY C 61 10.99 3.82 -2.82
N LEU C 62 10.10 3.82 -1.85
CA LEU C 62 8.71 3.51 -2.12
C LEU C 62 8.11 4.61 -2.98
N MSE C 63 8.46 5.86 -2.68
CA MSE C 63 7.88 6.95 -3.44
C MSE C 63 8.51 6.97 -4.84
O MSE C 63 7.85 7.34 -5.81
CB MSE C 63 8.03 8.30 -2.69
CG MSE C 63 6.75 9.19 -2.64
SE MSE C 63 4.96 8.30 -2.38
CE MSE C 63 3.89 9.42 -3.67
N LEU C 64 9.76 6.52 -4.95
CA LEU C 64 10.42 6.47 -6.25
C LEU C 64 9.82 5.36 -7.11
N THR C 65 9.56 4.20 -6.50
CA THR C 65 8.78 3.16 -7.19
C THR C 65 7.49 3.73 -7.75
N ARG C 66 6.76 4.43 -6.88
CA ARG C 66 5.49 5.04 -7.28
C ARG C 66 5.70 5.99 -8.46
N ALA C 67 6.73 6.81 -8.40
CA ALA C 67 6.96 7.80 -9.46
C ALA C 67 7.35 7.16 -10.79
N LEU C 68 8.15 6.10 -10.71
CA LEU C 68 8.49 5.31 -11.88
C LEU C 68 7.26 4.71 -12.57
N ARG C 69 6.39 4.07 -11.78
CA ARG C 69 5.22 3.40 -12.34
C ARG C 69 4.22 4.40 -12.91
N GLU C 70 4.12 5.54 -12.27
CA GLU C 70 3.27 6.60 -12.79
C GLU C 70 3.77 7.10 -14.15
N ARG C 71 5.09 7.09 -14.34
CA ARG C 71 5.71 7.57 -15.60
C ARG C 71 5.79 6.54 -16.74
N SER C 72 5.91 5.24 -16.42
CA SER C 72 6.05 4.25 -17.48
C SER C 72 5.78 2.80 -17.05
N THR C 73 5.76 1.91 -18.03
CA THR C 73 5.50 0.51 -17.79
C THR C 73 6.80 -0.26 -17.55
N VAL C 74 7.88 0.45 -17.24
CA VAL C 74 9.17 -0.22 -16.98
C VAL C 74 9.02 -1.38 -15.97
N GLY C 75 9.74 -2.47 -16.19
CA GLY C 75 9.82 -3.56 -15.22
C GLY C 75 10.43 -3.06 -13.95
N ILE C 76 9.84 -3.39 -12.80
CA ILE C 76 10.43 -3.00 -11.53
C ILE C 76 10.47 -4.20 -10.58
N ILE C 77 11.67 -4.57 -10.14
CA ILE C 77 11.83 -5.57 -9.09
C ILE C 77 12.51 -4.93 -7.88
N LEU C 78 11.87 -4.99 -6.73
CA LEU C 78 12.44 -4.39 -5.52
C LEU C 78 13.35 -5.38 -4.81
N VAL C 79 14.41 -4.88 -4.19
CA VAL C 79 15.25 -5.69 -3.34
C VAL C 79 15.06 -5.20 -1.92
N THR C 80 14.61 -6.08 -1.03
CA THR C 80 14.38 -5.72 0.37
C THR C 80 14.95 -6.79 1.30
N GLY C 81 15.04 -6.46 2.58
CA GLY C 81 15.37 -7.47 3.57
C GLY C 81 14.23 -8.46 3.67
N ARG C 82 14.54 -9.72 3.92
CA ARG C 82 13.51 -10.75 4.01
C ARG C 82 12.45 -10.43 5.08
N SER C 83 12.86 -9.75 6.15
CA SER C 83 11.95 -9.45 7.26
C SER C 83 11.08 -8.23 7.01
N ASP C 84 11.37 -7.51 5.93
CA ASP C 84 10.71 -6.24 5.67
C ASP C 84 9.34 -6.39 5.01
N ARG C 85 8.37 -6.89 5.77
CA ARG C 85 7.00 -7.05 5.27
C ARG C 85 6.45 -5.73 4.76
N ILE C 86 6.67 -4.64 5.51
CA ILE C 86 6.10 -3.34 5.12
C ILE C 86 6.50 -2.97 3.70
N ASP C 87 7.80 -2.98 3.40
CA ASP C 87 8.22 -2.51 2.08
C ASP C 87 7.89 -3.47 0.95
N ARG C 88 7.75 -4.75 1.27
CA ARG C 88 7.31 -5.74 0.29
C ARG C 88 5.84 -5.44 -0.15
N ILE C 89 4.96 -5.35 0.82
CA ILE C 89 3.55 -5.06 0.55
C ILE C 89 3.36 -3.66 -0.06
N VAL C 90 3.91 -2.65 0.58
CA VAL C 90 3.72 -1.29 0.04
C VAL C 90 4.41 -1.12 -1.30
N GLY C 91 5.58 -1.71 -1.46
CA GLY C 91 6.31 -1.63 -2.70
C GLY C 91 5.57 -2.25 -3.87
N LEU C 92 4.96 -3.42 -3.65
CA LEU C 92 4.02 -4.00 -4.62
C LEU C 92 2.89 -3.04 -4.95
N GLU C 93 2.31 -2.44 -3.92
CA GLU C 93 1.17 -1.53 -4.13
C GLU C 93 1.61 -0.30 -4.93
N MSE C 94 2.82 0.18 -4.70
CA MSE C 94 3.35 1.36 -5.41
C MSE C 94 3.60 1.04 -6.89
O MSE C 94 3.78 1.97 -7.68
CB MSE C 94 4.63 1.90 -4.77
CG MSE C 94 4.50 2.52 -3.37
SE MSE C 94 3.08 3.85 -3.28
CE MSE C 94 1.81 2.94 -1.99
N GLY C 95 3.66 -0.24 -7.25
CA GLY C 95 3.79 -0.62 -8.64
C GLY C 95 4.93 -1.58 -8.99
N ALA C 96 5.73 -2.02 -8.03
CA ALA C 96 6.76 -3.01 -8.34
C ALA C 96 6.14 -4.30 -8.83
N ASP C 97 6.74 -4.91 -9.86
CA ASP C 97 6.26 -6.17 -10.40
C ASP C 97 6.53 -7.33 -9.45
N ASP C 98 7.65 -7.26 -8.74
CA ASP C 98 8.10 -8.42 -8.00
C ASP C 98 9.05 -7.86 -6.96
N TYR C 99 9.43 -8.68 -6.01
CA TYR C 99 10.51 -8.31 -5.12
C TYR C 99 11.34 -9.56 -4.86
N VAL C 100 12.57 -9.35 -4.43
CA VAL C 100 13.46 -10.42 -4.00
C VAL C 100 14.12 -9.95 -2.71
N THR C 101 14.66 -10.88 -1.95
CA THR C 101 15.21 -10.47 -0.66
C THR C 101 16.74 -10.55 -0.63
N LYS C 102 17.31 -9.82 0.33
CA LYS C 102 18.75 -9.84 0.58
C LYS C 102 19.04 -10.81 1.71
N PRO C 103 20.19 -11.48 1.66
CA PRO C 103 21.16 -11.37 0.56
C PRO C 103 20.65 -12.02 -0.73
N LEU C 104 21.01 -11.45 -1.87
CA LEU C 104 20.44 -11.87 -3.14
C LEU C 104 20.84 -13.27 -3.60
N GLU C 105 19.84 -14.08 -3.90
CA GLU C 105 20.06 -15.36 -4.51
C GLU C 105 20.06 -15.10 -6.01
N LEU C 106 21.25 -15.05 -6.60
CA LEU C 106 21.39 -14.53 -7.95
C LEU C 106 20.79 -15.41 -9.01
N ARG C 107 20.82 -16.72 -8.81
CA ARG C 107 20.28 -17.62 -9.82
C ARG C 107 18.77 -17.42 -9.94
N GLU C 108 18.08 -17.34 -8.80
CA GLU C 108 16.65 -17.11 -8.82
C GLU C 108 16.32 -15.72 -9.38
N LEU C 109 17.13 -14.73 -9.04
CA LEU C 109 16.87 -13.37 -9.47
C LEU C 109 16.94 -13.31 -11.00
N VAL C 110 17.93 -13.97 -11.55
CA VAL C 110 18.07 -13.94 -13.01
C VAL C 110 16.86 -14.56 -13.71
N VAL C 111 16.33 -15.67 -13.19
CA VAL C 111 15.13 -16.30 -13.76
C VAL C 111 13.91 -15.38 -13.63
N ARG C 112 13.72 -14.77 -12.46
CA ARG C 112 12.62 -13.82 -12.29
C ARG C 112 12.75 -12.66 -13.27
N VAL C 113 13.97 -12.17 -13.49
CA VAL C 113 14.20 -11.11 -14.48
C VAL C 113 13.87 -11.59 -15.89
N LYS C 114 14.35 -12.78 -16.25
CA LYS C 114 14.05 -13.30 -17.57
C LYS C 114 12.55 -13.54 -17.76
N ASN C 115 11.88 -14.07 -16.75
CA ASN C 115 10.43 -14.25 -16.89
C ASN C 115 9.66 -12.94 -17.02
N LEU C 116 10.08 -11.92 -16.26
CA LEU C 116 9.41 -10.61 -16.34
C LEU C 116 9.69 -9.97 -17.70
N LEU C 117 10.91 -10.09 -18.21
CA LEU C 117 11.21 -9.54 -19.54
C LEU C 117 10.46 -10.27 -20.64
N TRP C 118 10.19 -11.57 -20.44
CA TRP C 118 9.38 -12.33 -21.39
C TRP C 118 7.99 -11.74 -21.51
N ARG C 119 7.43 -11.36 -20.37
CA ARG C 119 6.14 -10.69 -20.31
C ARG C 119 6.15 -9.28 -20.89
N ILE C 120 7.26 -8.59 -20.70
CA ILE C 120 7.39 -7.21 -21.13
C ILE C 120 7.81 -7.12 -22.60
N ASP C 121 8.66 -8.05 -23.02
CA ASP C 121 9.37 -7.94 -24.29
C ASP C 121 9.02 -9.15 -25.16
N PRO D 2 -15.00 -8.78 -14.92
CA PRO D 2 -13.77 -8.91 -14.10
C PRO D 2 -12.82 -9.98 -14.62
N HIS D 3 -11.59 -9.93 -14.13
CA HIS D 3 -10.62 -10.95 -14.45
C HIS D 3 -11.10 -12.28 -13.86
N HIS D 4 -10.75 -13.38 -14.52
CA HIS D 4 -11.10 -14.71 -14.02
C HIS D 4 -9.86 -15.44 -13.54
N ILE D 5 -9.85 -15.82 -12.27
CA ILE D 5 -8.76 -16.65 -11.76
C ILE D 5 -9.20 -18.05 -11.36
N VAL D 6 -8.30 -19.01 -11.50
CA VAL D 6 -8.60 -20.37 -11.08
C VAL D 6 -7.62 -20.76 -10.00
N ILE D 7 -8.16 -21.31 -8.91
CA ILE D 7 -7.35 -21.80 -7.81
C ILE D 7 -7.34 -23.32 -7.89
N VAL D 8 -6.15 -23.88 -8.06
CA VAL D 8 -6.00 -25.34 -8.12
C VAL D 8 -5.31 -25.77 -6.83
N GLU D 9 -6.09 -26.28 -5.88
CA GLU D 9 -5.63 -26.49 -4.53
C GLU D 9 -6.30 -27.71 -3.92
N ASP D 10 -5.49 -28.71 -3.58
CA ASP D 10 -5.97 -30.01 -3.09
C ASP D 10 -6.28 -30.03 -1.60
N GLU D 11 -5.80 -29.03 -0.88
CA GLU D 11 -6.13 -28.89 0.53
C GLU D 11 -7.36 -27.97 0.64
N PRO D 12 -8.49 -28.54 1.05
CA PRO D 12 -9.77 -27.82 1.09
C PRO D 12 -9.82 -26.51 1.87
N VAL D 13 -9.21 -26.46 3.05
CA VAL D 13 -9.29 -25.24 3.85
C VAL D 13 -8.53 -24.09 3.17
N THR D 14 -7.37 -24.42 2.62
CA THR D 14 -6.59 -23.44 1.87
C THR D 14 -7.33 -23.02 0.62
N GLN D 15 -7.90 -23.99 -0.07
CA GLN D 15 -8.70 -23.69 -1.24
C GLN D 15 -9.77 -22.65 -0.89
N ALA D 16 -10.51 -22.88 0.20
CA ALA D 16 -11.63 -22.00 0.55
C ALA D 16 -11.14 -20.64 1.00
N ARG D 17 -10.02 -20.60 1.71
CA ARG D 17 -9.47 -19.34 2.17
C ARG D 17 -9.08 -18.49 0.99
N LEU D 18 -8.40 -19.09 0.03
CA LEU D 18 -7.90 -18.38 -1.13
C LEU D 18 -9.06 -17.88 -1.97
N GLN D 19 -10.09 -18.72 -2.08
CA GLN D 19 -11.26 -18.37 -2.87
C GLN D 19 -11.95 -17.14 -2.27
N SER D 20 -12.10 -17.17 -0.95
CA SER D 20 -12.77 -16.10 -0.23
C SER D 20 -12.05 -14.78 -0.40
N TYR D 21 -10.74 -14.82 -0.19
CA TYR D 21 -9.86 -13.67 -0.30
C TYR D 21 -9.90 -13.01 -1.69
N PHE D 22 -9.71 -13.80 -2.74
CA PHE D 22 -9.70 -13.25 -4.09
C PHE D 22 -11.07 -12.82 -4.60
N THR D 23 -12.12 -13.42 -4.06
CA THR D 23 -13.47 -13.04 -4.44
C THR D 23 -13.73 -11.58 -4.02
N GLN D 24 -13.18 -11.17 -2.88
CA GLN D 24 -13.45 -9.82 -2.38
C GLN D 24 -12.63 -8.76 -3.13
N GLU D 25 -11.67 -9.20 -3.95
CA GLU D 25 -10.98 -8.32 -4.88
C GLU D 25 -11.86 -7.99 -6.09
N GLY D 26 -13.00 -8.67 -6.23
CA GLY D 26 -13.89 -8.46 -7.36
C GLY D 26 -13.69 -9.45 -8.51
N TYR D 27 -12.74 -10.38 -8.36
CA TYR D 27 -12.46 -11.34 -9.43
C TYR D 27 -13.52 -12.42 -9.50
N THR D 28 -13.73 -12.94 -10.70
CA THR D 28 -14.46 -14.18 -10.86
C THR D 28 -13.51 -15.31 -10.54
N VAL D 29 -13.85 -16.13 -9.54
CA VAL D 29 -12.91 -17.13 -9.06
C VAL D 29 -13.52 -18.50 -9.26
N SER D 30 -12.78 -19.41 -9.89
CA SER D 30 -13.19 -20.81 -9.95
C SER D 30 -12.19 -21.62 -9.14
N VAL D 31 -12.67 -22.71 -8.52
CA VAL D 31 -11.79 -23.59 -7.77
C VAL D 31 -11.87 -25.04 -8.26
N THR D 32 -10.78 -25.76 -8.06
CA THR D 32 -10.72 -27.18 -8.41
C THR D 32 -9.56 -27.79 -7.64
N ALA D 33 -9.47 -29.10 -7.62
CA ALA D 33 -8.44 -29.77 -6.83
C ALA D 33 -7.45 -30.52 -7.72
N SER D 34 -7.65 -30.43 -9.04
CA SER D 34 -6.89 -31.25 -9.97
C SER D 34 -6.58 -30.60 -11.32
N GLY D 35 -5.56 -31.14 -11.98
CA GLY D 35 -5.21 -30.73 -13.33
C GLY D 35 -6.39 -31.02 -14.25
N ALA D 36 -7.11 -32.09 -13.96
CA ALA D 36 -8.24 -32.46 -14.80
C ALA D 36 -9.34 -31.42 -14.68
N GLY D 37 -9.62 -31.01 -13.45
CA GLY D 37 -10.57 -29.95 -13.18
C GLY D 37 -10.14 -28.64 -13.83
N LEU D 38 -8.85 -28.33 -13.73
CA LEU D 38 -8.33 -27.11 -14.35
C LEU D 38 -8.57 -27.09 -15.86
N ARG D 39 -8.25 -28.20 -16.51
CA ARG D 39 -8.45 -28.35 -17.94
C ARG D 39 -9.91 -28.17 -18.35
N GLU D 40 -10.83 -28.69 -17.53
CA GLU D 40 -12.26 -28.59 -17.78
C GLU D 40 -12.71 -27.13 -17.73
N ILE D 41 -12.28 -26.42 -16.70
CA ILE D 41 -12.58 -25.00 -16.58
C ILE D 41 -12.04 -24.18 -17.75
N MSE D 42 -10.79 -24.47 -18.15
CA MSE D 42 -10.15 -23.69 -19.21
C MSE D 42 -10.78 -23.92 -20.58
O MSE D 42 -10.60 -23.12 -21.49
CB MSE D 42 -8.67 -24.02 -19.28
CG MSE D 42 -7.90 -23.48 -18.12
SE MSE D 42 -6.04 -23.83 -18.38
CE MSE D 42 -5.59 -22.36 -19.54
N GLN D 43 -11.51 -25.02 -20.72
CA GLN D 43 -12.15 -25.33 -21.97
C GLN D 43 -13.47 -24.60 -22.11
N ASN D 44 -14.04 -24.15 -20.99
CA ASN D 44 -15.35 -23.49 -20.99
C ASN D 44 -15.33 -22.02 -20.57
N GLN D 45 -14.22 -21.55 -20.02
CA GLN D 45 -14.15 -20.17 -19.54
C GLN D 45 -12.81 -19.53 -19.90
N SER D 46 -12.83 -18.21 -20.07
CA SER D 46 -11.60 -17.48 -20.20
C SER D 46 -10.95 -17.47 -18.82
N VAL D 47 -9.67 -17.84 -18.76
CA VAL D 47 -8.91 -17.81 -17.51
C VAL D 47 -7.67 -16.94 -17.67
N ASP D 48 -7.54 -15.91 -16.83
CA ASP D 48 -6.40 -14.98 -16.88
C ASP D 48 -5.22 -15.41 -16.05
N LEU D 49 -5.48 -16.14 -14.96
CA LEU D 49 -4.43 -16.44 -13.99
C LEU D 49 -4.78 -17.68 -13.22
N ILE D 50 -3.79 -18.52 -12.98
CA ILE D 50 -3.96 -19.75 -12.23
C ILE D 50 -3.05 -19.71 -11.03
N LEU D 51 -3.60 -20.03 -9.86
CA LEU D 51 -2.81 -20.34 -8.68
C LEU D 51 -2.79 -21.86 -8.64
N LEU D 52 -1.60 -22.42 -8.81
CA LEU D 52 -1.48 -23.85 -9.06
C LEU D 52 -0.68 -24.51 -7.94
N ASP D 53 -1.31 -25.39 -7.18
CA ASP D 53 -0.57 -26.16 -6.20
C ASP D 53 0.22 -27.24 -6.92
N ILE D 54 1.49 -27.32 -6.60
CA ILE D 54 2.48 -28.16 -7.28
C ILE D 54 2.13 -29.65 -7.14
N ASN D 55 1.55 -29.99 -6.00
CA ASN D 55 1.18 -31.35 -5.68
C ASN D 55 -0.29 -31.60 -6.03
N LEU D 56 -0.52 -32.30 -7.14
CA LEU D 56 -1.87 -32.57 -7.58
C LEU D 56 -2.09 -34.07 -7.51
N PRO D 57 -3.35 -34.48 -7.38
CA PRO D 57 -3.65 -35.91 -7.34
C PRO D 57 -3.36 -36.59 -8.68
N ASP D 58 -3.51 -35.87 -9.79
CA ASP D 58 -3.57 -36.51 -11.10
C ASP D 58 -2.35 -36.29 -11.98
N GLU D 59 -1.67 -35.15 -11.83
CA GLU D 59 -0.46 -34.92 -12.63
C GLU D 59 0.61 -34.13 -11.93
N ASN D 60 1.79 -34.09 -12.57
CA ASN D 60 2.97 -33.42 -12.07
C ASN D 60 2.84 -31.92 -12.31
N GLY D 61 2.97 -31.13 -11.24
CA GLY D 61 2.64 -29.72 -11.29
C GLY D 61 3.64 -28.92 -12.10
N LEU D 62 4.90 -29.32 -12.04
CA LEU D 62 5.96 -28.68 -12.81
C LEU D 62 5.77 -28.96 -14.28
N MSE D 63 5.47 -30.20 -14.61
CA MSE D 63 5.26 -30.56 -16.00
C MSE D 63 4.05 -29.84 -16.55
O MSE D 63 4.02 -29.43 -17.71
CB MSE D 63 5.03 -32.06 -16.12
CG MSE D 63 6.15 -32.87 -15.53
SE MSE D 63 7.69 -32.76 -16.68
CE MSE D 63 7.01 -33.88 -18.14
N LEU D 64 3.03 -29.73 -15.72
CA LEU D 64 1.82 -29.03 -16.14
C LEU D 64 2.10 -27.55 -16.37
N THR D 65 2.90 -26.94 -15.50
CA THR D 65 3.32 -25.55 -15.68
C THR D 65 3.93 -25.30 -17.06
N ARG D 66 4.88 -26.15 -17.44
CA ARG D 66 5.54 -26.00 -18.73
C ARG D 66 4.57 -26.17 -19.90
N ALA D 67 3.71 -27.17 -19.79
CA ALA D 67 2.73 -27.44 -20.84
C ALA D 67 1.81 -26.23 -21.05
N LEU D 68 1.33 -25.65 -19.95
CA LEU D 68 0.52 -24.44 -20.00
C LEU D 68 1.27 -23.27 -20.62
N ARG D 69 2.51 -23.07 -20.20
CA ARG D 69 3.28 -21.92 -20.68
C ARG D 69 3.64 -22.06 -22.16
N GLU D 70 3.88 -23.29 -22.63
CA GLU D 70 4.19 -23.46 -24.05
C GLU D 70 3.01 -23.08 -24.96
N ARG D 71 1.81 -23.25 -24.44
CA ARG D 71 0.57 -22.97 -25.19
C ARG D 71 -0.08 -21.59 -24.97
N SER D 72 0.23 -20.92 -23.85
CA SER D 72 -0.58 -19.76 -23.47
C SER D 72 0.16 -18.73 -22.63
N THR D 73 -0.27 -17.47 -22.66
CA THR D 73 0.30 -16.41 -21.83
C THR D 73 -0.39 -16.28 -20.47
N VAL D 74 -1.23 -17.25 -20.15
CA VAL D 74 -1.95 -17.27 -18.88
C VAL D 74 -0.98 -17.03 -17.72
N GLY D 75 -1.43 -16.27 -16.72
CA GLY D 75 -0.63 -16.07 -15.54
C GLY D 75 -0.59 -17.36 -14.74
N ILE D 76 0.57 -17.67 -14.18
CA ILE D 76 0.69 -18.89 -13.38
C ILE D 76 1.50 -18.57 -12.15
N ILE D 77 0.93 -18.81 -10.99
CA ILE D 77 1.66 -18.72 -9.73
C ILE D 77 1.61 -20.06 -9.03
N LEU D 78 2.76 -20.65 -8.79
CA LEU D 78 2.82 -21.96 -8.15
C LEU D 78 2.80 -21.80 -6.64
N VAL D 79 2.14 -22.75 -5.99
CA VAL D 79 2.02 -22.77 -4.53
C VAL D 79 2.62 -24.07 -4.06
N THR D 80 3.45 -24.04 -3.03
CA THR D 80 4.06 -25.28 -2.53
C THR D 80 4.18 -25.25 -1.02
N GLY D 81 4.37 -26.42 -0.42
CA GLY D 81 4.65 -26.53 1.01
C GLY D 81 6.12 -26.69 1.32
N ARG D 82 6.93 -26.96 0.29
CA ARG D 82 8.35 -27.25 0.45
C ARG D 82 9.23 -26.05 0.08
N SER D 83 10.28 -25.81 0.88
CA SER D 83 10.96 -24.53 0.83
C SER D 83 12.32 -24.50 0.12
N ASP D 84 12.63 -25.49 -0.71
CA ASP D 84 13.99 -25.50 -1.26
C ASP D 84 14.20 -24.73 -2.57
N ARG D 85 15.37 -24.13 -2.69
CA ARG D 85 15.68 -23.17 -3.75
C ARG D 85 15.58 -23.80 -5.13
N ILE D 86 16.07 -25.02 -5.27
CA ILE D 86 16.08 -25.68 -6.58
C ILE D 86 14.67 -25.85 -7.17
N ASP D 87 13.73 -26.35 -6.35
CA ASP D 87 12.36 -26.53 -6.80
C ASP D 87 11.78 -25.19 -7.21
N ARG D 88 12.09 -24.16 -6.43
CA ARG D 88 11.60 -22.82 -6.70
C ARG D 88 12.16 -22.35 -8.03
N ILE D 89 13.46 -22.54 -8.26
CA ILE D 89 14.06 -22.09 -9.50
C ILE D 89 13.49 -22.90 -10.64
N VAL D 90 13.30 -24.20 -10.44
CA VAL D 90 12.78 -25.03 -11.52
C VAL D 90 11.37 -24.59 -11.91
N GLY D 91 10.51 -24.34 -10.92
CA GLY D 91 9.18 -23.84 -11.22
C GLY D 91 9.17 -22.59 -12.09
N LEU D 92 10.02 -21.64 -11.73
CA LEU D 92 10.17 -20.41 -12.48
C LEU D 92 10.73 -20.67 -13.87
N GLU D 93 11.70 -21.57 -13.98
CA GLU D 93 12.30 -21.88 -15.28
C GLU D 93 11.24 -22.51 -16.21
N MSE D 94 10.36 -23.32 -15.63
CA MSE D 94 9.29 -23.94 -16.43
C MSE D 94 8.30 -22.91 -16.93
O MSE D 94 7.57 -23.16 -17.90
CB MSE D 94 8.56 -25.03 -15.63
CG MSE D 94 9.45 -26.17 -15.26
SE MSE D 94 9.96 -27.20 -16.83
CE MSE D 94 8.88 -28.78 -16.44
N GLY D 95 8.29 -21.73 -16.31
CA GLY D 95 7.43 -20.67 -16.83
C GLY D 95 6.48 -20.04 -15.81
N ALA D 96 6.55 -20.46 -14.56
CA ALA D 96 5.71 -19.82 -13.52
C ALA D 96 6.15 -18.35 -13.40
N ASP D 97 5.16 -17.46 -13.35
CA ASP D 97 5.43 -16.05 -13.06
C ASP D 97 5.89 -15.84 -11.65
N ASP D 98 5.40 -16.68 -10.75
CA ASP D 98 5.81 -16.59 -9.36
C ASP D 98 5.67 -17.95 -8.67
N TYR D 99 6.26 -18.06 -7.50
CA TYR D 99 6.30 -19.33 -6.79
C TYR D 99 6.28 -19.03 -5.30
N VAL D 100 5.22 -19.45 -4.61
CA VAL D 100 5.03 -19.15 -3.19
C VAL D 100 4.94 -20.39 -2.30
N THR D 101 5.38 -20.24 -1.05
CA THR D 101 5.44 -21.35 -0.11
C THR D 101 4.44 -21.13 1.02
N LYS D 102 3.84 -22.21 1.49
CA LYS D 102 2.89 -22.16 2.59
C LYS D 102 3.66 -22.16 3.92
N PRO D 103 3.13 -21.52 4.95
CA PRO D 103 1.82 -20.86 4.93
C PRO D 103 1.91 -19.56 4.14
N LEU D 104 0.85 -19.25 3.42
CA LEU D 104 0.91 -18.14 2.47
C LEU D 104 0.86 -16.79 3.15
N GLU D 105 1.71 -15.88 2.69
CA GLU D 105 1.55 -14.48 3.02
C GLU D 105 0.54 -13.91 2.02
N LEU D 106 -0.71 -13.81 2.46
CA LEU D 106 -1.80 -13.49 1.54
C LEU D 106 -1.76 -12.04 1.07
N ARG D 107 -1.27 -11.14 1.92
CA ARG D 107 -1.17 -9.73 1.56
C ARG D 107 -0.22 -9.56 0.35
N GLU D 108 1.00 -10.05 0.46
CA GLU D 108 1.89 -10.00 -0.69
C GLU D 108 1.26 -10.69 -1.91
N LEU D 109 0.69 -11.87 -1.70
CA LEU D 109 0.10 -12.61 -2.82
C LEU D 109 -1.01 -11.84 -3.56
N VAL D 110 -1.92 -11.22 -2.81
CA VAL D 110 -3.03 -10.57 -3.47
C VAL D 110 -2.54 -9.40 -4.33
N VAL D 111 -1.56 -8.65 -3.84
CA VAL D 111 -1.05 -7.53 -4.62
C VAL D 111 -0.23 -8.02 -5.80
N ARG D 112 0.55 -9.08 -5.59
CA ARG D 112 1.33 -9.68 -6.68
C ARG D 112 0.40 -10.13 -7.83
N VAL D 113 -0.72 -10.73 -7.47
CA VAL D 113 -1.75 -11.13 -8.44
C VAL D 113 -2.33 -9.91 -9.19
N LYS D 114 -2.66 -8.87 -8.43
CA LYS D 114 -3.08 -7.62 -9.07
C LYS D 114 -2.07 -7.15 -10.11
N ASN D 115 -0.79 -7.15 -9.76
CA ASN D 115 0.24 -6.60 -10.63
C ASN D 115 0.54 -7.51 -11.81
N LEU D 116 0.49 -8.82 -11.59
CA LEU D 116 0.64 -9.76 -12.70
C LEU D 116 -0.51 -9.59 -13.71
N LEU D 117 -1.74 -9.47 -13.22
CA LEU D 117 -2.88 -9.27 -14.11
C LEU D 117 -2.73 -7.98 -14.93
N TRP D 118 -2.23 -6.92 -14.28
CA TRP D 118 -1.94 -5.66 -14.98
C TRP D 118 -0.97 -5.88 -16.15
N ARG D 119 0.05 -6.71 -15.92
CA ARG D 119 1.02 -7.09 -16.98
C ARG D 119 0.42 -7.96 -18.08
N ILE D 120 -0.42 -8.92 -17.70
CA ILE D 120 -1.01 -9.86 -18.65
C ILE D 120 -1.95 -9.16 -19.62
N ASP D 121 -2.52 -8.05 -19.19
CA ASP D 121 -3.28 -7.19 -20.08
C ASP D 121 -2.32 -6.34 -20.91
S SO4 E . -15.06 7.85 24.79
O1 SO4 E . -13.65 8.19 25.06
O2 SO4 E . -15.67 8.91 23.96
O3 SO4 E . -15.13 6.57 24.09
O4 SO4 E . -15.78 7.73 26.05
C1 GOL F . -17.78 29.18 14.73
O1 GOL F . -17.84 28.15 13.76
C2 GOL F . -16.40 29.20 15.40
O2 GOL F . -15.68 28.03 15.11
C3 GOL F . -16.54 29.34 16.91
O3 GOL F . -15.84 30.48 17.36
S SO4 G . -0.43 -12.34 5.85
O1 SO4 G . 0.00 -11.50 4.73
O2 SO4 G . -1.53 -11.68 6.53
O3 SO4 G . -0.91 -13.64 5.36
O4 SO4 G . 0.65 -12.54 6.79
#